data_4YVK
#
_entry.id   4YVK
#
_cell.length_a   87.450
_cell.length_b   87.450
_cell.length_c   228.720
_cell.angle_alpha   90.00
_cell.angle_beta   90.00
_cell.angle_gamma   90.00
#
_symmetry.space_group_name_H-M   'P 41 21 2'
#
loop_
_entity.id
_entity.type
_entity.pdbx_description
1 polymer 'tRNA (guanine-N(1)-)-methyltransferase'
2 polymer tRNA
3 non-polymer SINEFUNGIN
#
loop_
_entity_poly.entity_id
_entity_poly.type
_entity_poly.pdbx_seq_one_letter_code
_entity_poly.pdbx_strand_id
1 'polypeptide(L)'
;MGSSHHHHHHSSGLVPRGSHMWIGVISLFPEMFKAITEFGVTGRAVKHNLLKVECWNPRDFTFDKHKTVDDRPYGGGPGM
LMMVQPLRDAIHTAKAAAGEGAKVIYLSPQGRKLDQGGVTELAQNQKLILVCGRYEGIDERLIQTEIDEEWSIGDYVLTG
GELPAMTLIDAVARFIPGVLGKQASAEEDSFADGLLDCPHYTRPEVLEGLTVPPVLMSGHHEEIRKWRLKQSLQRTWLRR
PELLEGLALTDEQRKLLKEAQAEHNS
;
A,B
2 'polyribonucleotide' UGGGAGGUCGUCUAACGGUAGGACGGCGGACUCUCGAUCCGCUGGUGGAGGUUCGAGUCCUCCCCUCCCAGCCA C
#
loop_
_chem_comp.id
_chem_comp.type
_chem_comp.name
_chem_comp.formula
A RNA linking ADENOSINE-5'-MONOPHOSPHATE 'C10 H14 N5 O7 P'
C RNA linking CYTIDINE-5'-MONOPHOSPHATE 'C9 H14 N3 O8 P'
G RNA linking GUANOSINE-5'-MONOPHOSPHATE 'C10 H14 N5 O8 P'
SFG non-polymer SINEFUNGIN 'C15 H23 N7 O5'
U RNA linking URIDINE-5'-MONOPHOSPHATE 'C9 H13 N2 O9 P'
#
# COMPACT_ATOMS: atom_id res chain seq x y z
N SER A 19 -10.46 -7.60 -24.86
CA SER A 19 -10.87 -7.88 -23.49
C SER A 19 -10.52 -6.73 -22.56
N HIS A 20 -11.31 -6.58 -21.50
CA HIS A 20 -11.10 -5.55 -20.51
C HIS A 20 -11.26 -6.08 -19.09
N MET A 21 -10.99 -5.25 -18.09
CA MET A 21 -11.09 -5.71 -16.70
C MET A 21 -12.25 -5.00 -16.04
N TRP A 22 -12.99 -5.74 -15.21
CA TRP A 22 -14.08 -5.15 -14.48
C TRP A 22 -13.79 -5.35 -13.00
N ILE A 23 -13.87 -4.28 -12.22
CA ILE A 23 -13.64 -4.34 -10.78
C ILE A 23 -14.82 -3.77 -10.00
N GLY A 24 -15.41 -4.59 -9.15
CA GLY A 24 -16.49 -4.13 -8.29
C GLY A 24 -15.87 -3.76 -6.96
N VAL A 25 -16.34 -2.66 -6.38
CA VAL A 25 -15.80 -2.20 -5.11
C VAL A 25 -16.89 -1.93 -4.09
N ILE A 26 -16.69 -2.37 -2.86
CA ILE A 26 -17.63 -2.05 -1.81
C ILE A 26 -16.87 -1.12 -0.89
N SER A 27 -17.36 0.11 -0.75
CA SER A 27 -16.66 1.11 0.03
C SER A 27 -17.59 2.20 0.49
N LEU A 28 -17.37 2.67 1.71
CA LEU A 28 -18.10 3.80 2.24
C LEU A 28 -17.66 5.14 1.64
N PHE A 29 -16.54 5.14 0.93
CA PHE A 29 -16.00 6.39 0.37
C PHE A 29 -15.61 6.17 -1.08
N PRO A 30 -16.61 5.85 -1.92
CA PRO A 30 -16.40 5.58 -3.35
C PRO A 30 -15.68 6.70 -4.10
N GLU A 31 -15.86 7.92 -3.61
CA GLU A 31 -15.23 9.06 -4.26
C GLU A 31 -13.71 8.97 -4.20
N MET A 32 -13.19 8.22 -3.23
CA MET A 32 -11.75 8.04 -3.14
C MET A 32 -11.20 7.40 -4.40
N PHE A 33 -12.02 6.55 -5.02
CA PHE A 33 -11.58 5.82 -6.19
C PHE A 33 -11.37 6.70 -7.40
N LYS A 34 -11.82 7.95 -7.34
CA LYS A 34 -11.50 8.85 -8.43
C LYS A 34 -9.98 8.96 -8.56
N ALA A 35 -9.28 8.74 -7.45
CA ALA A 35 -7.82 8.86 -7.47
C ALA A 35 -7.22 7.95 -8.53
N ILE A 36 -7.83 6.81 -8.80
CA ILE A 36 -7.28 6.02 -9.88
C ILE A 36 -8.09 6.13 -11.18
N THR A 37 -9.39 6.41 -11.10
CA THR A 37 -10.14 6.44 -12.36
C THR A 37 -10.10 7.74 -13.16
N GLU A 38 -9.68 8.83 -12.53
CA GLU A 38 -9.65 10.11 -13.22
C GLU A 38 -8.23 10.66 -13.44
N PHE A 39 -7.21 9.82 -13.26
CA PHE A 39 -5.81 10.25 -13.34
C PHE A 39 -4.85 9.17 -13.80
N GLY A 40 -3.84 9.62 -14.54
CA GLY A 40 -2.75 8.81 -15.07
C GLY A 40 -3.09 7.68 -16.02
N VAL A 41 -2.20 6.70 -16.08
CA VAL A 41 -2.37 5.56 -16.95
C VAL A 41 -3.72 4.86 -16.74
N THR A 42 -4.11 4.68 -15.49
CA THR A 42 -5.36 3.99 -15.17
C THR A 42 -6.56 4.87 -15.59
N GLY A 43 -6.41 6.18 -15.48
CA GLY A 43 -7.45 7.12 -15.87
C GLY A 43 -7.69 7.00 -17.37
N ARG A 44 -6.58 6.88 -18.10
CA ARG A 44 -6.63 6.76 -19.55
C ARG A 44 -7.29 5.43 -19.89
N ALA A 45 -7.00 4.44 -19.07
CA ALA A 45 -7.57 3.11 -19.21
C ALA A 45 -9.10 3.17 -19.06
N VAL A 46 -9.57 3.99 -18.13
CA VAL A 46 -10.99 4.16 -17.89
C VAL A 46 -11.68 4.85 -19.05
N LYS A 47 -11.10 5.95 -19.53
CA LYS A 47 -11.71 6.68 -20.65
C LYS A 47 -11.85 5.82 -21.90
N HIS A 48 -10.91 4.89 -22.11
CA HIS A 48 -10.97 4.05 -23.30
C HIS A 48 -11.76 2.76 -23.07
N ASN A 49 -12.43 2.68 -21.92
CA ASN A 49 -13.26 1.53 -21.58
C ASN A 49 -12.49 0.23 -21.46
N LEU A 50 -11.19 0.34 -21.21
CA LEU A 50 -10.34 -0.83 -21.04
C LEU A 50 -10.41 -1.33 -19.60
N LEU A 51 -10.99 -0.51 -18.73
CA LEU A 51 -11.14 -0.86 -17.33
C LEU A 51 -12.38 -0.18 -16.79
N LYS A 52 -13.24 -0.95 -16.12
CA LYS A 52 -14.43 -0.36 -15.53
C LYS A 52 -14.40 -0.65 -14.03
N VAL A 53 -14.65 0.37 -13.22
CA VAL A 53 -14.69 0.22 -11.76
C VAL A 53 -16.03 0.67 -11.22
N GLU A 54 -16.87 -0.28 -10.83
CA GLU A 54 -18.20 0.04 -10.30
C GLU A 54 -18.20 0.01 -8.79
N CYS A 55 -18.87 0.97 -8.15
CA CYS A 55 -18.86 1.03 -6.68
C CYS A 55 -20.25 0.94 -6.07
N TRP A 56 -20.31 0.34 -4.90
CA TRP A 56 -21.55 0.25 -4.13
C TRP A 56 -21.20 0.76 -2.76
N ASN A 57 -22.06 1.60 -2.20
CA ASN A 57 -21.79 2.21 -0.90
C ASN A 57 -22.76 1.61 0.12
N PRO A 58 -22.24 0.95 1.17
CA PRO A 58 -23.12 0.39 2.19
C PRO A 58 -24.11 1.42 2.71
N ARG A 59 -23.74 2.70 2.69
CA ARG A 59 -24.63 3.76 3.15
C ARG A 59 -25.90 3.83 2.31
N ASP A 60 -25.81 3.46 1.04
CA ASP A 60 -27.00 3.52 0.18
C ASP A 60 -27.93 2.39 0.56
N PHE A 61 -27.45 1.50 1.42
CA PHE A 61 -28.25 0.38 1.86
C PHE A 61 -28.77 0.49 3.29
N THR A 62 -28.64 1.64 3.95
CA THR A 62 -29.19 1.72 5.29
C THR A 62 -30.66 2.09 5.23
N PHE A 63 -31.40 1.78 6.30
CA PHE A 63 -32.82 2.07 6.38
C PHE A 63 -33.19 2.86 7.63
N ASP A 64 -32.35 3.80 8.03
CA ASP A 64 -32.64 4.59 9.22
C ASP A 64 -32.36 6.08 9.06
N LYS A 65 -32.95 6.86 9.96
CA LYS A 65 -32.84 8.32 9.95
C LYS A 65 -31.40 8.82 9.84
N HIS A 66 -30.47 8.20 10.55
CA HIS A 66 -29.08 8.65 10.51
C HIS A 66 -28.14 7.88 9.55
N LYS A 67 -28.68 7.02 8.70
CA LYS A 67 -27.88 6.31 7.69
C LYS A 67 -26.65 5.68 8.39
N THR A 68 -26.91 4.90 9.43
CA THR A 68 -25.83 4.27 10.20
C THR A 68 -25.12 3.13 9.49
N VAL A 69 -23.78 3.20 9.37
CA VAL A 69 -23.07 2.11 8.70
C VAL A 69 -22.05 1.42 9.62
N ASP A 70 -21.95 1.87 10.87
CA ASP A 70 -21.08 1.23 11.85
C ASP A 70 -21.86 0.71 13.08
N ASP A 71 -21.18 -0.05 13.95
CA ASP A 71 -21.82 -0.65 15.11
C ASP A 71 -20.78 -1.01 16.18
N ARG A 72 -21.19 -1.19 17.43
CA ARG A 72 -20.26 -1.50 18.51
C ARG A 72 -19.90 -2.99 18.57
N PRO A 73 -18.63 -3.29 18.89
CA PRO A 73 -18.20 -4.68 18.99
C PRO A 73 -18.65 -5.25 20.33
N TYR A 74 -19.08 -6.51 20.35
CA TYR A 74 -19.46 -7.16 21.59
C TYR A 74 -18.25 -7.37 22.49
N GLY A 75 -18.48 -7.24 23.78
CA GLY A 75 -17.44 -7.43 24.77
C GLY A 75 -16.94 -6.07 25.20
N GLY A 76 -17.49 -5.05 24.57
CA GLY A 76 -17.16 -3.68 24.85
C GLY A 76 -15.79 -3.24 24.38
N GLY A 77 -15.28 -2.18 25.02
CA GLY A 77 -13.99 -1.64 24.65
C GLY A 77 -14.28 -0.58 23.60
N PRO A 78 -13.26 0.20 23.22
CA PRO A 78 -13.45 1.25 22.23
C PRO A 78 -13.49 0.78 20.77
N GLY A 79 -13.85 1.71 19.88
CA GLY A 79 -13.93 1.49 18.45
C GLY A 79 -15.24 0.93 17.94
N MET A 80 -15.39 0.94 16.62
CA MET A 80 -16.59 0.43 15.97
C MET A 80 -16.24 -0.50 14.82
N LEU A 81 -17.20 -1.32 14.39
CA LEU A 81 -17.01 -2.22 13.27
C LEU A 81 -17.97 -1.75 12.21
N MET A 82 -17.80 -2.18 10.98
CA MET A 82 -18.80 -1.87 10.00
C MET A 82 -20.04 -2.68 10.34
N MET A 83 -21.20 -2.06 10.18
CA MET A 83 -22.47 -2.72 10.42
C MET A 83 -22.66 -3.83 9.43
N VAL A 84 -23.11 -4.98 9.91
CA VAL A 84 -23.28 -6.16 9.10
C VAL A 84 -24.27 -6.06 7.93
N GLN A 85 -25.50 -5.63 8.21
CA GLN A 85 -26.55 -5.58 7.18
C GLN A 85 -26.31 -4.75 5.92
N PRO A 86 -25.87 -3.49 6.08
CA PRO A 86 -25.63 -2.66 4.90
C PRO A 86 -24.51 -3.19 4.04
N LEU A 87 -23.46 -3.65 4.70
CA LEU A 87 -22.28 -4.17 4.04
C LEU A 87 -22.64 -5.44 3.31
N ARG A 88 -23.39 -6.31 3.98
CA ARG A 88 -23.86 -7.58 3.42
C ARG A 88 -24.73 -7.35 2.20
N ASP A 89 -25.65 -6.40 2.32
CA ASP A 89 -26.57 -6.12 1.24
C ASP A 89 -25.83 -5.57 0.05
N ALA A 90 -24.85 -4.71 0.34
CA ALA A 90 -24.04 -4.15 -0.73
C ALA A 90 -23.25 -5.26 -1.43
N ILE A 91 -22.67 -6.17 -0.64
CA ILE A 91 -21.91 -7.25 -1.24
C ILE A 91 -22.79 -8.15 -2.10
N HIS A 92 -23.97 -8.50 -1.60
CA HIS A 92 -24.87 -9.35 -2.38
C HIS A 92 -25.30 -8.64 -3.64
N THR A 93 -25.51 -7.33 -3.55
CA THR A 93 -25.94 -6.59 -4.73
C THR A 93 -24.85 -6.54 -5.79
N ALA A 94 -23.62 -6.30 -5.35
CA ALA A 94 -22.45 -6.24 -6.22
C ALA A 94 -22.17 -7.60 -6.84
N LYS A 95 -22.29 -8.62 -6.00
CA LYS A 95 -22.04 -10.01 -6.37
C LYS A 95 -23.05 -10.39 -7.42
N ALA A 96 -24.26 -9.88 -7.27
CA ALA A 96 -25.33 -10.14 -8.21
C ALA A 96 -24.94 -9.51 -9.54
N ALA A 97 -24.82 -8.19 -9.57
CA ALA A 97 -24.43 -7.43 -10.78
C ALA A 97 -23.24 -8.05 -11.52
N ALA A 98 -22.33 -8.65 -10.77
CA ALA A 98 -21.12 -9.26 -11.31
C ALA A 98 -21.44 -10.55 -12.07
N GLY A 99 -22.53 -11.21 -11.71
CA GLY A 99 -22.94 -12.47 -12.33
C GLY A 99 -22.17 -13.72 -11.93
N GLU A 100 -22.09 -14.74 -12.77
CA GLU A 100 -21.38 -15.92 -12.30
C GLU A 100 -19.88 -15.78 -12.35
N GLY A 101 -19.18 -16.50 -11.48
CA GLY A 101 -17.74 -16.47 -11.48
C GLY A 101 -17.03 -15.30 -10.83
N ALA A 102 -17.73 -14.44 -10.09
CA ALA A 102 -17.01 -13.33 -9.48
C ALA A 102 -16.55 -13.62 -8.06
N LYS A 103 -15.24 -13.48 -7.91
CA LYS A 103 -14.53 -13.67 -6.66
C LYS A 103 -14.55 -12.44 -5.75
N VAL A 104 -14.90 -12.68 -4.51
CA VAL A 104 -14.97 -11.62 -3.53
C VAL A 104 -13.72 -11.62 -2.66
N ILE A 105 -13.03 -10.49 -2.66
CA ILE A 105 -11.78 -10.32 -1.95
C ILE A 105 -12.00 -9.27 -0.89
N TYR A 106 -11.50 -9.55 0.31
CA TYR A 106 -11.51 -8.61 1.40
C TYR A 106 -10.10 -8.06 1.63
N LEU A 107 -9.96 -6.75 1.65
CA LEU A 107 -8.67 -6.14 1.92
C LEU A 107 -8.44 -6.18 3.44
N SER A 108 -7.32 -6.76 3.89
CA SER A 108 -7.05 -6.87 5.32
C SER A 108 -5.59 -7.14 5.61
N PRO A 109 -5.09 -6.59 6.73
CA PRO A 109 -3.68 -6.85 7.03
C PRO A 109 -3.37 -8.29 7.42
N GLN A 110 -4.42 -9.07 7.67
CA GLN A 110 -4.25 -10.47 8.03
C GLN A 110 -4.31 -11.39 6.83
N GLY A 111 -4.50 -10.82 5.65
CA GLY A 111 -4.61 -11.63 4.46
C GLY A 111 -3.28 -11.92 3.82
N ARG A 112 -3.32 -12.58 2.67
CA ARG A 112 -2.12 -12.92 1.95
C ARG A 112 -1.44 -11.64 1.48
N LYS A 113 -0.15 -11.52 1.77
CA LYS A 113 0.63 -10.33 1.43
C LYS A 113 0.88 -10.27 -0.08
N LEU A 114 0.46 -9.16 -0.69
CA LEU A 114 0.63 -8.97 -2.12
C LEU A 114 2.11 -8.87 -2.54
N ASP A 115 2.44 -9.58 -3.62
CA ASP A 115 3.74 -9.55 -4.28
C ASP A 115 3.47 -9.75 -5.76
N GLN A 116 4.49 -9.68 -6.61
CA GLN A 116 4.22 -9.76 -8.04
C GLN A 116 3.49 -11.05 -8.48
N GLY A 117 3.79 -12.17 -7.81
CA GLY A 117 3.09 -13.40 -8.13
C GLY A 117 1.60 -13.35 -7.84
N GLY A 118 1.28 -12.72 -6.70
CA GLY A 118 -0.10 -12.56 -6.30
C GLY A 118 -0.80 -11.62 -7.24
N VAL A 119 -0.08 -10.61 -7.70
CA VAL A 119 -0.66 -9.67 -8.64
C VAL A 119 -1.01 -10.39 -9.94
N THR A 120 -0.11 -11.26 -10.44
CA THR A 120 -0.39 -11.97 -11.69
C THR A 120 -1.58 -12.94 -11.59
N GLU A 121 -1.67 -13.59 -10.42
CA GLU A 121 -2.76 -14.52 -10.14
C GLU A 121 -4.07 -13.78 -10.09
N LEU A 122 -4.07 -12.64 -9.40
CA LEU A 122 -5.26 -11.83 -9.26
C LEU A 122 -5.65 -11.36 -10.64
N ALA A 123 -4.63 -11.15 -11.48
CA ALA A 123 -4.84 -10.67 -12.83
C ALA A 123 -5.57 -11.70 -13.68
N GLN A 124 -5.35 -12.99 -13.44
CA GLN A 124 -6.09 -14.00 -14.20
C GLN A 124 -7.61 -13.74 -14.19
N ASN A 125 -8.17 -13.52 -13.00
CA ASN A 125 -9.60 -13.26 -12.81
C ASN A 125 -10.18 -12.20 -13.75
N GLN A 126 -11.35 -12.49 -14.34
CA GLN A 126 -12.00 -11.52 -15.22
C GLN A 126 -12.84 -10.49 -14.44
N LYS A 127 -13.34 -10.90 -13.28
CA LYS A 127 -14.15 -10.02 -12.43
C LYS A 127 -13.72 -10.19 -10.98
N LEU A 128 -13.62 -9.09 -10.26
CA LEU A 128 -13.30 -9.17 -8.86
C LEU A 128 -14.15 -8.17 -8.12
N ILE A 129 -14.47 -8.48 -6.88
CA ILE A 129 -15.17 -7.55 -6.03
C ILE A 129 -14.29 -7.31 -4.82
N LEU A 130 -14.03 -6.05 -4.54
CA LEU A 130 -13.13 -5.69 -3.46
C LEU A 130 -13.86 -5.00 -2.30
N VAL A 131 -13.78 -5.62 -1.13
CA VAL A 131 -14.42 -5.10 0.06
C VAL A 131 -13.38 -4.32 0.88
N CYS A 132 -13.68 -3.04 1.11
CA CYS A 132 -12.81 -2.12 1.81
C CYS A 132 -13.30 -1.92 3.23
N GLY A 133 -12.51 -2.31 4.21
CA GLY A 133 -12.95 -2.13 5.57
C GLY A 133 -12.70 -0.74 6.09
N ARG A 134 -13.36 -0.40 7.19
CA ARG A 134 -13.13 0.86 7.87
C ARG A 134 -13.21 0.65 9.38
N TYR A 135 -12.84 1.66 10.16
CA TYR A 135 -12.90 1.49 11.60
C TYR A 135 -12.05 0.33 12.05
N GLU A 136 -12.62 -0.50 12.92
CA GLU A 136 -11.91 -1.66 13.45
C GLU A 136 -12.00 -2.91 12.59
N GLY A 137 -12.71 -2.85 11.46
CA GLY A 137 -12.78 -3.98 10.57
C GLY A 137 -14.20 -4.42 10.28
N ILE A 138 -14.38 -5.69 9.94
CA ILE A 138 -15.71 -6.22 9.63
C ILE A 138 -15.98 -7.41 10.55
N ASP A 139 -17.25 -7.77 10.68
CA ASP A 139 -17.67 -8.90 11.51
C ASP A 139 -17.01 -10.19 11.00
N GLU A 140 -16.38 -10.96 11.89
CA GLU A 140 -15.69 -12.20 11.49
C GLU A 140 -16.54 -13.20 10.70
N ARG A 141 -17.83 -13.23 10.98
CA ARG A 141 -18.69 -14.18 10.32
C ARG A 141 -18.93 -13.81 8.86
N LEU A 142 -18.83 -12.52 8.55
CA LEU A 142 -18.94 -12.08 7.16
C LEU A 142 -17.69 -12.51 6.41
N ILE A 143 -16.55 -12.51 7.11
CA ILE A 143 -15.32 -12.95 6.48
C ILE A 143 -15.39 -14.43 6.15
N GLN A 144 -15.92 -15.21 7.09
CA GLN A 144 -16.04 -16.65 6.85
C GLN A 144 -17.08 -17.01 5.80
N THR A 145 -18.21 -16.30 5.78
CA THR A 145 -19.31 -16.64 4.87
C THR A 145 -19.38 -15.93 3.51
N GLU A 146 -18.75 -14.77 3.36
CA GLU A 146 -18.86 -14.01 2.12
C GLU A 146 -17.53 -13.78 1.44
N ILE A 147 -16.43 -13.92 2.17
CA ILE A 147 -15.14 -13.61 1.57
C ILE A 147 -14.48 -14.88 1.06
N ASP A 148 -13.95 -14.80 -0.16
CA ASP A 148 -13.23 -15.91 -0.76
C ASP A 148 -11.75 -15.87 -0.38
N GLU A 149 -11.16 -14.69 -0.48
CA GLU A 149 -9.75 -14.51 -0.16
C GLU A 149 -9.53 -13.17 0.54
N GLU A 150 -8.57 -13.16 1.45
CA GLU A 150 -8.15 -11.97 2.17
C GLU A 150 -6.78 -11.54 1.66
N TRP A 151 -6.60 -10.26 1.34
CA TRP A 151 -5.29 -9.85 0.84
C TRP A 151 -4.80 -8.63 1.59
N SER A 152 -3.52 -8.61 1.94
CA SER A 152 -2.87 -7.48 2.59
C SER A 152 -1.89 -6.82 1.65
N ILE A 153 -1.77 -5.50 1.67
CA ILE A 153 -0.71 -4.89 0.84
C ILE A 153 0.63 -4.74 1.57
N GLY A 154 0.68 -5.10 2.86
CA GLY A 154 1.91 -4.97 3.63
C GLY A 154 1.70 -5.08 5.12
N ASP A 155 2.79 -5.31 5.87
CA ASP A 155 2.69 -5.48 7.32
C ASP A 155 2.62 -4.17 8.09
N TYR A 156 1.52 -3.46 7.90
CA TYR A 156 1.30 -2.19 8.56
C TYR A 156 -0.21 -1.98 8.53
N VAL A 157 -0.71 -1.13 9.40
CA VAL A 157 -2.15 -0.91 9.54
C VAL A 157 -2.64 0.45 9.04
N LEU A 158 -3.67 0.42 8.19
CA LEU A 158 -4.25 1.65 7.68
C LEU A 158 -5.64 1.89 8.28
N THR A 159 -6.15 3.10 8.11
CA THR A 159 -7.46 3.48 8.62
C THR A 159 -8.58 2.89 7.78
N GLY A 160 -8.26 2.42 6.58
CA GLY A 160 -9.28 1.87 5.72
C GLY A 160 -8.70 1.05 4.59
N GLY A 161 -9.56 0.28 3.94
CA GLY A 161 -9.19 -0.55 2.81
C GLY A 161 -9.20 0.07 1.42
N GLU A 162 -9.60 1.32 1.31
CA GLU A 162 -9.65 1.97 0.00
C GLU A 162 -8.30 2.13 -0.68
N LEU A 163 -7.29 2.60 0.05
CA LEU A 163 -5.99 2.72 -0.58
C LEU A 163 -5.46 1.34 -0.98
N PRO A 164 -5.62 0.34 -0.10
CA PRO A 164 -5.16 -1.00 -0.48
C PRO A 164 -5.89 -1.51 -1.71
N ALA A 165 -7.20 -1.25 -1.80
CA ALA A 165 -7.98 -1.71 -2.94
C ALA A 165 -7.49 -1.06 -4.22
N MET A 166 -7.26 0.24 -4.16
CA MET A 166 -6.76 0.95 -5.33
C MET A 166 -5.38 0.48 -5.73
N THR A 167 -4.55 0.14 -4.74
CA THR A 167 -3.21 -0.38 -4.99
C THR A 167 -3.28 -1.67 -5.75
N LEU A 168 -4.17 -2.54 -5.31
CA LEU A 168 -4.34 -3.83 -5.95
C LEU A 168 -4.83 -3.62 -7.39
N ILE A 169 -5.83 -2.76 -7.54
CA ILE A 169 -6.39 -2.46 -8.85
C ILE A 169 -5.35 -1.93 -9.82
N ASP A 170 -4.55 -0.98 -9.36
CA ASP A 170 -3.51 -0.36 -10.17
C ASP A 170 -2.48 -1.40 -10.63
N ALA A 171 -2.04 -2.21 -9.65
CA ALA A 171 -1.03 -3.22 -9.92
C ALA A 171 -1.50 -4.22 -10.95
N VAL A 172 -2.74 -4.71 -10.80
CA VAL A 172 -3.27 -5.69 -11.77
C VAL A 172 -3.60 -5.02 -13.10
N ALA A 173 -3.99 -3.75 -13.04
CA ALA A 173 -4.34 -2.97 -14.22
C ALA A 173 -3.16 -2.90 -15.17
N ARG A 174 -1.94 -2.99 -14.63
CA ARG A 174 -0.77 -2.94 -15.52
C ARG A 174 -0.73 -4.12 -16.52
N PHE A 175 -1.52 -5.15 -16.23
CA PHE A 175 -1.58 -6.35 -17.07
C PHE A 175 -2.68 -6.37 -18.14
N ILE A 176 -3.48 -5.31 -18.21
CA ILE A 176 -4.56 -5.21 -19.20
C ILE A 176 -3.96 -4.80 -20.54
N PRO A 177 -4.25 -5.57 -21.60
CA PRO A 177 -3.72 -5.27 -22.94
C PRO A 177 -3.96 -3.85 -23.40
N GLY A 178 -2.91 -3.18 -23.87
CA GLY A 178 -3.05 -1.83 -24.38
C GLY A 178 -2.91 -0.81 -23.28
N VAL A 179 -1.98 -1.01 -22.36
CA VAL A 179 -1.83 -0.07 -21.27
C VAL A 179 -0.35 0.18 -20.95
N ASP A 189 10.93 -4.57 -17.39
CA ASP A 189 9.91 -4.59 -16.35
C ASP A 189 10.52 -5.02 -15.01
N SER A 190 10.44 -4.15 -14.00
CA SER A 190 10.93 -4.46 -12.66
C SER A 190 10.15 -5.68 -12.15
N PHE A 191 10.79 -6.53 -11.35
CA PHE A 191 10.09 -7.70 -10.81
C PHE A 191 9.71 -8.70 -11.90
N ALA A 192 9.85 -8.29 -13.14
CA ALA A 192 9.55 -9.11 -14.31
C ALA A 192 10.30 -10.43 -14.21
N ASP A 193 11.59 -10.37 -13.91
CA ASP A 193 12.40 -11.56 -13.78
C ASP A 193 12.81 -11.83 -12.34
N GLY A 194 12.08 -11.24 -11.40
CA GLY A 194 12.39 -11.46 -10.00
C GLY A 194 13.43 -10.50 -9.46
N LEU A 195 13.88 -9.59 -10.31
CA LEU A 195 14.93 -8.65 -9.94
C LEU A 195 14.42 -7.22 -9.85
N LEU A 196 15.11 -6.43 -9.04
CA LEU A 196 14.80 -5.02 -8.94
C LEU A 196 15.20 -4.38 -10.25
N ASP A 197 14.55 -3.26 -10.57
CA ASP A 197 14.82 -2.54 -11.80
C ASP A 197 16.21 -1.91 -11.73
N CYS A 198 16.77 -1.61 -12.90
CA CYS A 198 18.07 -0.96 -13.02
C CYS A 198 17.87 0.55 -12.89
N PRO A 199 18.95 1.30 -12.68
CA PRO A 199 18.89 2.76 -12.56
C PRO A 199 18.58 3.39 -13.91
N HIS A 200 17.90 4.54 -13.90
CA HIS A 200 17.55 5.21 -15.15
C HIS A 200 18.12 6.62 -15.32
N TYR A 201 18.34 7.02 -16.57
CA TYR A 201 18.90 8.35 -16.86
C TYR A 201 18.22 9.01 -18.05
N THR A 202 18.09 10.33 -18.00
CA THR A 202 17.55 11.10 -19.13
C THR A 202 18.38 12.38 -19.24
N ARG A 203 17.99 13.28 -20.14
CA ARG A 203 18.75 14.52 -20.32
C ARG A 203 18.72 15.29 -19.01
N PRO A 204 19.78 16.08 -18.72
CA PRO A 204 21.01 16.36 -19.46
C PRO A 204 22.10 15.30 -19.28
N GLU A 205 23.12 15.32 -20.12
CA GLU A 205 24.22 14.38 -20.01
C GLU A 205 24.95 14.56 -18.68
N VAL A 206 24.98 15.79 -18.18
CA VAL A 206 25.58 16.07 -16.90
C VAL A 206 24.61 16.84 -16.03
N LEU A 207 24.38 16.30 -14.84
CA LEU A 207 23.47 16.89 -13.89
C LEU A 207 24.11 16.99 -12.53
N GLU A 208 24.35 18.21 -12.02
CA GLU A 208 25.01 18.38 -10.73
C GLU A 208 26.32 17.62 -10.56
N GLY A 209 27.14 17.68 -11.62
CA GLY A 209 28.46 17.07 -11.65
C GLY A 209 28.39 15.57 -11.91
N LEU A 210 27.19 15.04 -12.01
CA LEU A 210 27.01 13.61 -12.25
C LEU A 210 26.79 13.32 -13.73
N THR A 211 27.64 12.49 -14.32
CA THR A 211 27.53 12.18 -15.74
C THR A 211 26.81 10.85 -15.97
N VAL A 212 26.16 10.71 -17.13
CA VAL A 212 25.49 9.46 -17.50
C VAL A 212 26.54 8.41 -17.87
N PRO A 213 26.37 7.15 -17.39
CA PRO A 213 27.33 6.08 -17.73
C PRO A 213 27.50 6.02 -19.24
N PRO A 214 28.75 6.12 -19.73
CA PRO A 214 29.03 6.11 -21.16
C PRO A 214 28.37 5.01 -21.97
N VAL A 215 28.25 3.81 -21.40
CA VAL A 215 27.63 2.71 -22.11
C VAL A 215 26.21 3.00 -22.61
N LEU A 216 25.42 3.77 -21.87
CA LEU A 216 24.05 4.06 -22.33
C LEU A 216 23.97 4.98 -23.54
N MET A 217 25.06 5.68 -23.81
CA MET A 217 25.15 6.57 -24.96
C MET A 217 25.94 5.94 -26.11
N SER A 218 26.51 4.76 -25.89
CA SER A 218 27.35 4.11 -26.90
C SER A 218 26.53 3.68 -28.12
N GLY A 219 25.23 3.50 -27.94
CA GLY A 219 24.35 3.08 -29.02
C GLY A 219 24.33 1.62 -29.40
N HIS A 220 25.13 0.80 -28.72
CA HIS A 220 25.19 -0.63 -28.99
C HIS A 220 24.17 -1.31 -28.10
N HIS A 221 23.05 -1.74 -28.68
CA HIS A 221 21.96 -2.33 -27.92
C HIS A 221 22.42 -3.48 -27.03
N GLU A 222 23.35 -4.30 -27.51
CA GLU A 222 23.82 -5.42 -26.71
C GLU A 222 24.65 -5.02 -25.47
N GLU A 223 25.55 -4.05 -25.61
CA GLU A 223 26.36 -3.65 -24.46
C GLU A 223 25.44 -3.03 -23.42
N ILE A 224 24.44 -2.30 -23.89
CA ILE A 224 23.48 -1.66 -22.99
C ILE A 224 22.62 -2.68 -22.25
N ARG A 225 22.12 -3.67 -22.99
CA ARG A 225 21.29 -4.71 -22.40
C ARG A 225 22.07 -5.41 -21.29
N LYS A 226 23.30 -5.80 -21.59
CA LYS A 226 24.12 -6.48 -20.59
C LYS A 226 24.46 -5.61 -19.38
N TRP A 227 24.74 -4.34 -19.62
CA TRP A 227 25.04 -3.43 -18.51
C TRP A 227 23.82 -3.30 -17.58
N ARG A 228 22.66 -3.08 -18.17
CA ARG A 228 21.43 -2.92 -17.40
C ARG A 228 21.08 -4.17 -16.60
N LEU A 229 21.26 -5.33 -17.22
CA LEU A 229 20.94 -6.56 -16.54
C LEU A 229 21.89 -6.73 -15.34
N LYS A 230 23.17 -6.46 -15.55
CA LYS A 230 24.14 -6.54 -14.46
C LYS A 230 23.76 -5.60 -13.31
N GLN A 231 23.29 -4.40 -13.66
CA GLN A 231 22.86 -3.45 -12.64
C GLN A 231 21.63 -3.94 -11.85
N SER A 232 20.67 -4.54 -12.54
CA SER A 232 19.49 -5.05 -11.85
C SER A 232 19.90 -6.12 -10.87
N LEU A 233 20.81 -7.00 -11.30
CA LEU A 233 21.29 -8.08 -10.43
C LEU A 233 22.03 -7.54 -9.21
N GLN A 234 22.91 -6.57 -9.44
CA GLN A 234 23.66 -5.99 -8.35
C GLN A 234 22.72 -5.34 -7.32
N ARG A 235 21.75 -4.55 -7.78
CA ARG A 235 20.81 -3.90 -6.87
C ARG A 235 19.95 -4.90 -6.11
N THR A 236 19.50 -5.95 -6.78
CA THR A 236 18.69 -6.93 -6.06
C THR A 236 19.49 -7.58 -4.97
N TRP A 237 20.73 -7.94 -5.29
CA TRP A 237 21.61 -8.56 -4.30
C TRP A 237 21.87 -7.63 -3.11
N LEU A 238 22.22 -6.38 -3.38
CA LEU A 238 22.54 -5.42 -2.32
C LEU A 238 21.38 -4.92 -1.45
N ARG A 239 20.23 -4.65 -2.06
CA ARG A 239 19.11 -4.12 -1.28
C ARG A 239 18.15 -5.19 -0.78
N ARG A 240 17.89 -6.20 -1.61
CA ARG A 240 16.93 -7.22 -1.25
C ARG A 240 17.48 -8.57 -1.69
N PRO A 241 18.61 -8.98 -1.09
CA PRO A 241 19.29 -10.24 -1.41
C PRO A 241 18.45 -11.51 -1.31
N GLU A 242 17.43 -11.50 -0.47
CA GLU A 242 16.57 -12.68 -0.29
C GLU A 242 15.78 -13.00 -1.55
N LEU A 243 15.47 -11.99 -2.35
CA LEU A 243 14.75 -12.20 -3.61
C LEU A 243 15.56 -13.01 -4.59
N LEU A 244 16.69 -13.55 -4.13
CA LEU A 244 17.56 -14.35 -4.99
C LEU A 244 17.63 -15.85 -4.67
N GLU A 245 16.71 -16.36 -3.86
CA GLU A 245 16.75 -17.77 -3.53
C GLU A 245 15.87 -18.63 -4.44
N GLY A 246 14.74 -18.07 -4.83
CA GLY A 246 13.80 -18.76 -5.67
C GLY A 246 14.09 -18.63 -7.14
N LEU A 247 15.25 -18.10 -7.51
CA LEU A 247 15.50 -17.95 -8.94
C LEU A 247 16.54 -18.86 -9.55
N ALA A 248 16.33 -19.19 -10.82
CA ALA A 248 17.25 -19.97 -11.61
C ALA A 248 17.88 -18.99 -12.58
N LEU A 249 19.04 -18.47 -12.24
CA LEU A 249 19.69 -17.50 -13.11
C LEU A 249 20.17 -18.19 -14.36
N THR A 250 20.12 -17.53 -15.51
CA THR A 250 20.67 -18.07 -16.77
C THR A 250 22.21 -17.98 -16.67
N ASP A 251 22.95 -18.58 -17.60
CA ASP A 251 24.39 -18.52 -17.52
C ASP A 251 24.83 -17.07 -17.52
N GLU A 252 24.18 -16.28 -18.35
CA GLU A 252 24.53 -14.87 -18.43
C GLU A 252 24.29 -14.14 -17.12
N GLN A 253 23.14 -14.37 -16.50
CA GLN A 253 22.86 -13.73 -15.22
C GLN A 253 23.81 -14.16 -14.12
N ARG A 254 24.15 -15.45 -14.07
CA ARG A 254 25.08 -15.93 -13.06
C ARG A 254 26.45 -15.29 -13.23
N LYS A 255 26.89 -15.19 -14.47
CA LYS A 255 28.19 -14.59 -14.78
C LYS A 255 28.22 -13.10 -14.41
N LEU A 256 27.17 -12.37 -14.80
CA LEU A 256 27.13 -10.93 -14.54
C LEU A 256 27.03 -10.61 -13.04
N LEU A 257 26.26 -11.41 -12.33
CA LEU A 257 26.11 -11.25 -10.89
C LEU A 257 27.48 -11.51 -10.25
N LYS A 258 28.16 -12.55 -10.72
CA LYS A 258 29.49 -12.90 -10.22
C LYS A 258 30.46 -11.71 -10.38
N GLU A 259 30.38 -11.07 -11.54
CA GLU A 259 31.20 -9.90 -11.84
C GLU A 259 30.91 -8.74 -10.89
N ALA A 260 29.63 -8.51 -10.65
CA ALA A 260 29.19 -7.40 -9.79
C ALA A 260 29.65 -7.60 -8.34
N GLN A 261 29.56 -8.83 -7.86
CA GLN A 261 29.99 -9.12 -6.50
C GLN A 261 31.50 -8.93 -6.42
N ALA A 262 32.21 -9.30 -7.48
CA ALA A 262 33.66 -9.12 -7.47
C ALA A 262 34.03 -7.63 -7.43
N GLU A 263 33.28 -6.81 -8.17
CA GLU A 263 33.50 -5.35 -8.20
C GLU A 263 33.19 -4.63 -6.89
N HIS A 264 32.14 -5.10 -6.21
CA HIS A 264 31.70 -4.49 -4.96
C HIS A 264 32.73 -4.55 -3.84
N ASN A 265 33.49 -5.64 -3.70
CA ASN A 265 34.50 -5.67 -2.65
C ASN A 265 35.76 -6.43 -3.09
N SER A 266 36.68 -5.70 -3.71
CA SER A 266 37.92 -6.27 -4.21
C SER A 266 39.13 -5.79 -3.40
N GLY B 18 -1.12 22.15 20.25
CA GLY B 18 -1.62 20.84 19.85
C GLY B 18 -0.70 20.07 18.91
N SER B 19 -1.04 18.81 18.64
CA SER B 19 -0.17 17.96 17.80
C SER B 19 -0.44 18.17 16.31
N HIS B 20 0.63 18.47 15.58
CA HIS B 20 0.56 18.69 14.14
C HIS B 20 1.68 18.04 13.32
N MET B 21 1.38 17.63 12.09
CA MET B 21 2.38 16.98 11.25
C MET B 21 2.26 17.59 9.88
N TRP B 22 3.39 17.81 9.23
CA TRP B 22 3.37 18.37 7.89
C TRP B 22 4.02 17.43 6.88
N ILE B 23 3.31 17.19 5.79
CA ILE B 23 3.79 16.36 4.71
C ILE B 23 3.73 17.15 3.41
N GLY B 24 4.90 17.30 2.80
CA GLY B 24 5.01 17.95 1.50
C GLY B 24 5.04 16.82 0.49
N VAL B 25 4.36 17.03 -0.63
CA VAL B 25 4.27 16.02 -1.67
C VAL B 25 4.64 16.58 -3.03
N ILE B 26 5.42 15.83 -3.79
CA ILE B 26 5.74 16.24 -5.15
C ILE B 26 5.00 15.24 -6.03
N SER B 27 4.07 15.74 -6.84
CA SER B 27 3.23 14.87 -7.65
C SER B 27 2.60 15.56 -8.86
N LEU B 28 2.55 14.85 -9.98
CA LEU B 28 1.87 15.32 -11.17
C LEU B 28 0.35 15.28 -11.03
N PHE B 29 -0.14 14.58 -10.01
CA PHE B 29 -1.58 14.45 -9.82
C PHE B 29 -1.98 14.72 -8.38
N PRO B 30 -1.74 15.94 -7.91
CA PRO B 30 -2.04 16.36 -6.54
C PRO B 30 -3.49 16.12 -6.12
N GLU B 31 -4.40 16.16 -7.09
CA GLU B 31 -5.81 15.97 -6.78
C GLU B 31 -6.09 14.56 -6.23
N MET B 32 -5.20 13.63 -6.52
CA MET B 32 -5.36 12.28 -6.00
C MET B 32 -5.37 12.30 -4.49
N PHE B 33 -4.65 13.26 -3.92
CA PHE B 33 -4.55 13.31 -2.48
C PHE B 33 -5.82 13.68 -1.76
N LYS B 34 -6.82 14.15 -2.50
CA LYS B 34 -8.10 14.38 -1.84
C LYS B 34 -8.58 13.06 -1.24
N ALA B 35 -8.14 11.95 -1.83
CA ALA B 35 -8.59 10.67 -1.30
C ALA B 35 -8.26 10.50 0.18
N ILE B 36 -7.12 11.03 0.61
CA ILE B 36 -6.82 10.95 2.04
C ILE B 36 -7.03 12.25 2.83
N THR B 37 -7.45 13.33 2.17
CA THR B 37 -7.60 14.59 2.92
C THR B 37 -9.04 15.06 3.10
N GLU B 38 -9.95 14.50 2.32
CA GLU B 38 -11.35 14.88 2.36
C GLU B 38 -12.21 13.75 2.92
N PHE B 39 -11.58 12.61 3.21
CA PHE B 39 -12.32 11.44 3.66
C PHE B 39 -11.74 10.75 4.87
N GLY B 40 -12.67 10.23 5.66
CA GLY B 40 -12.40 9.46 6.84
C GLY B 40 -11.61 10.12 7.94
N VAL B 41 -10.98 9.26 8.74
CA VAL B 41 -10.17 9.66 9.88
C VAL B 41 -9.11 10.67 9.46
N THR B 42 -8.47 10.42 8.31
CA THR B 42 -7.42 11.31 7.83
C THR B 42 -8.00 12.65 7.41
N GLY B 43 -9.21 12.61 6.85
CA GLY B 43 -9.85 13.83 6.43
C GLY B 43 -10.12 14.68 7.67
N ARG B 44 -10.58 14.05 8.75
CA ARG B 44 -10.86 14.82 9.96
C ARG B 44 -9.57 15.34 10.56
N ALA B 45 -8.51 14.55 10.46
CA ALA B 45 -7.23 14.98 10.99
C ALA B 45 -6.81 16.24 10.26
N VAL B 46 -7.07 16.30 8.96
CA VAL B 46 -6.69 17.49 8.20
C VAL B 46 -7.60 18.65 8.63
N LYS B 47 -8.90 18.39 8.69
CA LYS B 47 -9.90 19.38 9.07
C LYS B 47 -9.69 19.93 10.50
N HIS B 48 -8.83 19.26 11.27
CA HIS B 48 -8.55 19.70 12.64
C HIS B 48 -7.10 20.13 12.78
N ASN B 49 -6.44 20.24 11.64
CA ASN B 49 -5.06 20.70 11.62
C ASN B 49 -4.10 19.78 12.33
N LEU B 50 -4.47 18.51 12.45
CA LEU B 50 -3.59 17.56 13.09
C LEU B 50 -2.62 17.10 12.01
N LEU B 51 -3.14 17.05 10.79
CA LEU B 51 -2.32 16.65 9.65
C LEU B 51 -2.44 17.68 8.51
N LYS B 52 -1.30 18.12 7.99
CA LYS B 52 -1.26 19.05 6.86
C LYS B 52 -0.52 18.43 5.70
N VAL B 53 -1.13 18.50 4.52
CA VAL B 53 -0.52 17.98 3.31
C VAL B 53 -0.47 19.08 2.26
N GLU B 54 0.71 19.39 1.73
CA GLU B 54 0.78 20.44 0.72
C GLU B 54 1.39 19.78 -0.49
N CYS B 55 0.86 20.09 -1.66
CA CYS B 55 1.33 19.46 -2.89
C CYS B 55 1.85 20.43 -3.94
N TRP B 56 3.06 20.14 -4.44
CA TRP B 56 3.65 20.92 -5.52
C TRP B 56 3.61 20.04 -6.78
N ASN B 57 3.21 20.62 -7.91
CA ASN B 57 3.09 19.85 -9.14
C ASN B 57 4.17 20.28 -10.13
N PRO B 58 5.05 19.33 -10.51
CA PRO B 58 6.12 19.59 -11.48
C PRO B 58 5.64 20.23 -12.77
N ARG B 59 4.41 19.95 -13.18
CA ARG B 59 3.92 20.56 -14.41
C ARG B 59 3.89 22.08 -14.25
N ASP B 60 3.67 22.58 -13.03
CA ASP B 60 3.65 24.04 -12.85
C ASP B 60 5.07 24.61 -12.95
N PHE B 61 6.08 23.75 -12.96
CA PHE B 61 7.46 24.20 -13.06
C PHE B 61 8.10 23.91 -14.44
N THR B 62 7.28 23.50 -15.41
CA THR B 62 7.81 23.23 -16.74
C THR B 62 7.89 24.44 -17.63
N PHE B 63 9.11 24.66 -18.13
CA PHE B 63 9.42 25.77 -19.02
C PHE B 63 8.77 25.45 -20.37
N ASP B 64 8.83 24.18 -20.73
CA ASP B 64 8.26 23.67 -21.96
C ASP B 64 6.91 24.30 -22.22
N LYS B 65 6.70 24.80 -23.42
CA LYS B 65 5.45 25.46 -23.75
C LYS B 65 4.31 24.45 -23.80
N HIS B 66 4.68 23.19 -23.89
CA HIS B 66 3.74 22.07 -23.99
C HIS B 66 3.47 21.45 -22.61
N LYS B 67 3.94 22.13 -21.56
CA LYS B 67 3.71 21.69 -20.19
C LYS B 67 4.14 20.21 -20.07
N THR B 68 5.13 19.87 -20.89
CA THR B 68 5.70 18.53 -21.01
C THR B 68 6.52 18.18 -19.77
N VAL B 69 6.21 17.04 -19.15
CA VAL B 69 6.90 16.62 -17.93
C VAL B 69 7.68 15.29 -18.01
N ASP B 70 7.70 14.66 -19.18
CA ASP B 70 8.48 13.43 -19.37
C ASP B 70 9.55 13.60 -20.42
N ASP B 71 10.68 12.93 -20.21
CA ASP B 71 11.82 13.02 -21.10
C ASP B 71 12.27 11.59 -21.49
N ARG B 72 13.01 11.45 -22.58
CA ARG B 72 13.43 10.11 -23.02
C ARG B 72 14.63 9.56 -22.26
N PRO B 73 14.60 8.24 -21.99
CA PRO B 73 15.69 7.57 -21.27
C PRO B 73 16.86 7.29 -22.20
N TYR B 74 18.08 7.46 -21.71
CA TYR B 74 19.24 7.13 -22.51
C TYR B 74 19.27 5.63 -22.62
N GLY B 75 19.67 5.11 -23.78
CA GLY B 75 19.76 3.67 -23.94
C GLY B 75 18.53 3.12 -24.63
N GLY B 76 17.57 3.99 -24.92
CA GLY B 76 16.35 3.56 -25.58
C GLY B 76 15.60 2.75 -24.53
N GLY B 77 14.71 1.88 -24.96
CA GLY B 77 13.97 1.08 -24.01
C GLY B 77 12.50 1.32 -23.79
N PRO B 78 12.03 0.93 -22.59
CA PRO B 78 10.64 1.05 -22.20
C PRO B 78 10.28 2.45 -21.76
N GLY B 79 9.07 2.85 -22.09
CA GLY B 79 8.57 4.15 -21.70
C GLY B 79 9.42 5.39 -21.78
N MET B 80 9.11 6.29 -20.86
CA MET B 80 9.73 7.58 -20.67
C MET B 80 10.09 7.77 -19.21
N LEU B 81 10.94 8.75 -18.91
CA LEU B 81 11.27 9.03 -17.51
C LEU B 81 10.70 10.41 -17.25
N MET B 82 10.58 10.77 -15.98
CA MET B 82 10.16 12.13 -15.69
C MET B 82 11.26 13.09 -16.07
N MET B 83 10.87 14.22 -16.63
CA MET B 83 11.83 15.24 -17.02
C MET B 83 12.49 15.78 -15.75
N VAL B 84 13.81 15.91 -15.80
CA VAL B 84 14.59 16.35 -14.66
C VAL B 84 14.28 17.76 -14.18
N GLN B 85 14.32 18.74 -15.07
CA GLN B 85 14.14 20.12 -14.63
C GLN B 85 12.83 20.43 -13.87
N PRO B 86 11.67 20.02 -14.39
CA PRO B 86 10.45 20.34 -13.65
C PRO B 86 10.39 19.65 -12.29
N LEU B 87 10.83 18.41 -12.26
CA LEU B 87 10.80 17.66 -11.02
C LEU B 87 11.77 18.25 -10.01
N ARG B 88 12.97 18.56 -10.46
CA ARG B 88 14.01 19.14 -9.61
C ARG B 88 13.55 20.47 -9.03
N ASP B 89 12.98 21.31 -9.87
CA ASP B 89 12.54 22.63 -9.43
C ASP B 89 11.42 22.49 -8.41
N ALA B 90 10.53 21.53 -8.62
CA ALA B 90 9.46 21.30 -7.66
C ALA B 90 10.06 20.82 -6.33
N ILE B 91 11.02 19.90 -6.40
CA ILE B 91 11.62 19.41 -5.16
C ILE B 91 12.31 20.56 -4.42
N HIS B 92 13.07 21.39 -5.13
CA HIS B 92 13.75 22.50 -4.44
C HIS B 92 12.77 23.50 -3.87
N THR B 93 11.67 23.74 -4.56
CA THR B 93 10.71 24.69 -4.03
C THR B 93 10.07 24.15 -2.76
N ALA B 94 9.71 22.87 -2.77
CA ALA B 94 9.11 22.25 -1.60
C ALA B 94 10.08 22.17 -0.43
N LYS B 95 11.33 21.80 -0.74
CA LYS B 95 12.35 21.66 0.28
C LYS B 95 12.62 23.03 0.90
N ALA B 96 12.61 24.07 0.06
CA ALA B 96 12.84 25.43 0.52
C ALA B 96 11.72 25.92 1.43
N ALA B 97 10.49 25.58 1.06
CA ALA B 97 9.29 25.96 1.81
C ALA B 97 9.19 25.23 3.14
N ALA B 98 9.65 23.99 3.17
CA ALA B 98 9.61 23.13 4.36
C ALA B 98 10.63 23.62 5.37
N GLY B 99 11.67 24.26 4.85
CA GLY B 99 12.76 24.78 5.62
C GLY B 99 13.71 23.69 6.10
N GLU B 100 14.40 23.93 7.21
CA GLU B 100 15.36 22.98 7.73
C GLU B 100 14.75 21.81 8.50
N GLY B 101 15.48 20.70 8.51
CA GLY B 101 15.07 19.50 9.21
C GLY B 101 14.07 18.63 8.49
N ALA B 102 13.83 18.89 7.21
CA ALA B 102 12.88 18.10 6.44
C ALA B 102 13.56 16.97 5.68
N LYS B 103 13.12 15.74 5.96
CA LYS B 103 13.66 14.54 5.32
C LYS B 103 12.95 14.32 3.96
N VAL B 104 13.74 14.08 2.91
CA VAL B 104 13.17 13.85 1.59
C VAL B 104 13.16 12.36 1.27
N ILE B 105 11.97 11.83 0.98
CA ILE B 105 11.76 10.42 0.71
C ILE B 105 11.31 10.19 -0.72
N TYR B 106 11.88 9.20 -1.40
CA TYR B 106 11.40 8.85 -2.73
C TYR B 106 10.61 7.54 -2.66
N LEU B 107 9.38 7.55 -3.18
CA LEU B 107 8.62 6.32 -3.18
C LEU B 107 9.12 5.48 -4.34
N SER B 108 9.54 4.26 -4.06
CA SER B 108 10.06 3.37 -5.11
C SER B 108 10.09 1.92 -4.68
N PRO B 109 9.81 1.00 -5.63
CA PRO B 109 9.82 -0.43 -5.33
C PRO B 109 11.20 -0.98 -5.00
N GLN B 110 12.22 -0.18 -5.26
CA GLN B 110 13.58 -0.57 -4.97
C GLN B 110 13.97 -0.11 -3.58
N GLY B 111 13.04 0.55 -2.89
CA GLY B 111 13.34 1.04 -1.56
C GLY B 111 13.11 0.08 -0.42
N ARG B 112 13.30 0.57 0.78
CA ARG B 112 13.10 -0.22 1.98
C ARG B 112 11.64 -0.60 2.07
N LYS B 113 11.38 -1.89 2.26
CA LYS B 113 10.00 -2.36 2.32
C LYS B 113 9.36 -1.89 3.63
N LEU B 114 8.26 -1.15 3.51
CA LEU B 114 7.53 -0.64 4.66
C LEU B 114 6.88 -1.74 5.53
N ASP B 115 7.03 -1.59 6.84
CA ASP B 115 6.38 -2.43 7.84
C ASP B 115 6.08 -1.56 9.06
N GLN B 116 5.39 -2.09 10.07
CA GLN B 116 5.00 -1.26 11.22
C GLN B 116 6.17 -0.60 11.97
N GLY B 117 7.31 -1.28 12.04
CA GLY B 117 8.48 -0.67 12.67
C GLY B 117 8.95 0.55 11.89
N GLY B 118 8.90 0.40 10.57
CA GLY B 118 9.29 1.48 9.68
C GLY B 118 8.30 2.61 9.78
N VAL B 119 7.02 2.29 9.93
CA VAL B 119 6.03 3.34 10.09
C VAL B 119 6.32 4.12 11.38
N THR B 120 6.65 3.45 12.49
CA THR B 120 6.91 4.23 13.71
C THR B 120 8.16 5.13 13.57
N GLU B 121 9.15 4.58 12.88
CA GLU B 121 10.39 5.31 12.64
C GLU B 121 10.14 6.54 11.75
N LEU B 122 9.39 6.35 10.67
CA LEU B 122 9.09 7.45 9.77
C LEU B 122 8.25 8.45 10.52
N ALA B 123 7.40 7.93 11.41
CA ALA B 123 6.50 8.74 12.20
C ALA B 123 7.29 9.60 13.18
N GLN B 124 8.59 9.32 13.28
CA GLN B 124 9.46 10.10 14.17
C GLN B 124 9.86 11.47 13.58
N ASN B 125 9.55 11.70 12.32
CA ASN B 125 9.86 12.94 11.61
C ASN B 125 8.77 14.02 11.74
N GLN B 126 9.16 15.26 12.00
CA GLN B 126 8.18 16.35 12.11
C GLN B 126 7.76 16.89 10.74
N LYS B 127 8.66 16.77 9.78
CA LYS B 127 8.39 17.23 8.42
C LYS B 127 8.93 16.18 7.46
N LEU B 128 8.16 15.88 6.41
CA LEU B 128 8.60 14.95 5.38
C LEU B 128 8.19 15.46 4.02
N ILE B 129 9.00 15.14 3.01
CA ILE B 129 8.64 15.45 1.64
C ILE B 129 8.62 14.13 0.88
N LEU B 130 7.53 13.86 0.18
CA LEU B 130 7.38 12.60 -0.52
C LEU B 130 7.40 12.79 -2.02
N VAL B 131 8.37 12.18 -2.69
CA VAL B 131 8.45 12.30 -4.14
C VAL B 131 7.81 11.09 -4.81
N CYS B 132 6.80 11.39 -5.61
CA CYS B 132 6.01 10.39 -6.30
C CYS B 132 6.43 10.32 -7.76
N GLY B 133 6.95 9.19 -8.19
CA GLY B 133 7.36 9.04 -9.57
C GLY B 133 6.19 8.69 -10.47
N ARG B 134 6.40 8.83 -11.77
CA ARG B 134 5.45 8.42 -12.78
C ARG B 134 6.26 7.86 -13.94
N TYR B 135 5.58 7.27 -14.94
CA TYR B 135 6.28 6.68 -16.08
C TYR B 135 7.27 5.61 -15.63
N GLU B 136 8.48 5.61 -16.15
CA GLU B 136 9.43 4.59 -15.74
C GLU B 136 10.23 4.95 -14.48
N GLY B 137 10.00 6.13 -13.94
CA GLY B 137 10.67 6.54 -12.72
C GLY B 137 11.41 7.86 -12.89
N ILE B 138 12.45 8.06 -12.08
CA ILE B 138 13.20 9.30 -12.14
C ILE B 138 14.69 9.07 -12.39
N ASP B 139 15.39 10.12 -12.82
CA ASP B 139 16.82 10.05 -13.07
C ASP B 139 17.53 9.65 -11.77
N GLU B 140 18.38 8.63 -11.85
CA GLU B 140 19.10 8.14 -10.69
C GLU B 140 19.89 9.23 -9.96
N ARG B 141 20.36 10.22 -10.70
CA ARG B 141 21.17 11.27 -10.11
C ARG B 141 20.35 12.20 -9.23
N LEU B 142 19.06 12.31 -9.51
CA LEU B 142 18.22 13.12 -8.64
C LEU B 142 18.07 12.37 -7.34
N ILE B 143 18.05 11.04 -7.43
CA ILE B 143 17.96 10.25 -6.22
C ILE B 143 19.21 10.40 -5.37
N GLN B 144 20.38 10.39 -6.01
CA GLN B 144 21.61 10.54 -5.25
C GLN B 144 21.75 11.92 -4.64
N THR B 145 21.35 12.95 -5.38
CA THR B 145 21.55 14.33 -4.94
C THR B 145 20.44 15.00 -4.13
N GLU B 146 19.20 14.53 -4.24
CA GLU B 146 18.10 15.21 -3.56
C GLU B 146 17.35 14.30 -2.58
N ILE B 147 17.51 12.98 -2.72
CA ILE B 147 16.76 12.03 -1.89
C ILE B 147 17.56 11.53 -0.68
N ASP B 148 16.90 11.51 0.48
CA ASP B 148 17.48 10.99 1.71
C ASP B 148 17.25 9.48 1.91
N GLU B 149 16.02 9.05 1.67
CA GLU B 149 15.64 7.66 1.85
C GLU B 149 14.67 7.19 0.78
N GLU B 150 14.78 5.93 0.39
CA GLU B 150 13.84 5.33 -0.56
C GLU B 150 12.94 4.33 0.16
N TRP B 151 11.62 4.40 -0.06
CA TRP B 151 10.72 3.45 0.61
C TRP B 151 9.74 2.82 -0.36
N SER B 152 9.52 1.51 -0.24
CA SER B 152 8.54 0.78 -1.04
C SER B 152 7.37 0.35 -0.14
N ILE B 153 6.15 0.38 -0.65
CA ILE B 153 5.03 -0.13 0.15
C ILE B 153 4.81 -1.63 -0.03
N GLY B 154 5.58 -2.24 -0.92
CA GLY B 154 5.45 -3.66 -1.19
C GLY B 154 6.14 -4.13 -2.45
N ASP B 155 6.34 -5.44 -2.55
CA ASP B 155 7.04 -6.04 -3.68
C ASP B 155 6.12 -6.26 -4.88
N TYR B 156 5.68 -5.15 -5.46
CA TYR B 156 4.80 -5.17 -6.62
C TYR B 156 4.98 -3.80 -7.28
N VAL B 157 4.63 -3.67 -8.56
CA VAL B 157 4.87 -2.42 -9.27
C VAL B 157 3.58 -1.65 -9.61
N LEU B 158 3.55 -0.37 -9.24
CA LEU B 158 2.40 0.49 -9.52
C LEU B 158 2.70 1.53 -10.62
N THR B 159 1.66 2.18 -11.13
CA THR B 159 1.85 3.18 -12.18
C THR B 159 2.41 4.51 -11.71
N GLY B 160 2.37 4.73 -10.40
CA GLY B 160 2.87 5.97 -9.83
C GLY B 160 3.08 5.87 -8.34
N GLY B 161 3.79 6.84 -7.80
CA GLY B 161 4.06 6.90 -6.37
C GLY B 161 2.99 7.54 -5.54
N GLU B 162 1.91 8.03 -6.16
CA GLU B 162 0.86 8.67 -5.39
C GLU B 162 0.15 7.72 -4.41
N LEU B 163 -0.22 6.53 -4.86
CA LEU B 163 -0.86 5.61 -3.94
C LEU B 163 0.12 5.22 -2.83
N PRO B 164 1.38 4.93 -3.17
CA PRO B 164 2.30 4.58 -2.09
C PRO B 164 2.43 5.72 -1.09
N ALA B 165 2.49 6.95 -1.57
CA ALA B 165 2.64 8.11 -0.69
C ALA B 165 1.43 8.23 0.23
N MET B 166 0.24 8.08 -0.34
CA MET B 166 -0.96 8.17 0.46
C MET B 166 -1.00 7.07 1.52
N THR B 167 -0.48 5.90 1.13
CA THR B 167 -0.40 4.77 2.05
C THR B 167 0.50 5.09 3.23
N LEU B 168 1.65 5.68 2.93
CA LEU B 168 2.62 6.03 3.97
C LEU B 168 2.00 7.06 4.91
N ILE B 169 1.40 8.09 4.31
CA ILE B 169 0.77 9.14 5.09
C ILE B 169 -0.30 8.57 6.00
N ASP B 170 -1.16 7.71 5.47
CA ASP B 170 -2.25 7.11 6.25
C ASP B 170 -1.70 6.28 7.42
N ALA B 171 -0.71 5.46 7.10
CA ALA B 171 -0.12 4.59 8.07
C ALA B 171 0.45 5.40 9.23
N VAL B 172 1.20 6.47 8.93
CA VAL B 172 1.76 7.27 10.03
C VAL B 172 0.68 8.11 10.72
N ALA B 173 -0.32 8.53 9.96
CA ALA B 173 -1.38 9.33 10.52
C ALA B 173 -2.12 8.58 11.60
N ARG B 174 -2.21 7.25 11.54
CA ARG B 174 -2.91 6.59 12.64
C ARG B 174 -2.20 6.75 13.99
N PHE B 175 -0.92 7.09 13.94
CA PHE B 175 -0.13 7.28 15.16
C PHE B 175 -0.02 8.68 15.69
N ILE B 176 -0.63 9.65 15.01
CA ILE B 176 -0.57 11.01 15.53
C ILE B 176 -1.63 11.09 16.63
N PRO B 177 -1.23 11.53 17.83
CA PRO B 177 -2.11 11.64 19.00
C PRO B 177 -3.39 12.42 18.71
N GLY B 178 -4.55 11.89 19.10
CA GLY B 178 -5.77 12.64 18.87
C GLY B 178 -6.47 12.39 17.55
N VAL B 179 -5.85 11.58 16.70
CA VAL B 179 -6.38 11.27 15.39
C VAL B 179 -7.55 10.31 15.50
N LEU B 180 -7.40 9.26 16.28
CA LEU B 180 -8.47 8.27 16.43
C LEU B 180 -9.48 8.69 17.48
N GLY B 181 -9.05 9.52 18.44
CA GLY B 181 -9.96 10.03 19.45
C GLY B 181 -9.47 9.74 20.86
N LYS B 182 -10.40 9.73 21.80
CA LYS B 182 -10.07 9.54 23.22
C LYS B 182 -9.59 8.12 23.54
N GLN B 183 -8.33 8.03 23.95
CA GLN B 183 -7.71 6.76 24.37
C GLN B 183 -7.67 5.72 23.26
N ALA B 184 -6.91 6.03 22.22
CA ALA B 184 -6.73 5.13 21.09
C ALA B 184 -5.80 3.99 21.48
N SER B 185 -5.27 4.07 22.70
CA SER B 185 -4.39 3.04 23.24
C SER B 185 -5.11 1.70 23.37
N ALA B 186 -6.43 1.78 23.45
CA ALA B 186 -7.26 0.58 23.59
C ALA B 186 -7.83 0.17 22.23
N GLU B 187 -7.62 1.02 21.23
CA GLU B 187 -8.07 0.71 19.87
C GLU B 187 -7.17 -0.40 19.34
N GLU B 188 -7.79 -1.48 18.86
CA GLU B 188 -7.04 -2.63 18.42
C GLU B 188 -6.92 -2.75 16.91
N ASP B 189 -5.68 -2.87 16.45
CA ASP B 189 -5.42 -3.12 15.05
C ASP B 189 -4.18 -4.03 15.02
N SER B 190 -4.01 -4.73 13.91
CA SER B 190 -2.88 -5.61 13.67
C SER B 190 -1.54 -4.89 13.73
N PHE B 191 -0.49 -5.57 14.19
CA PHE B 191 0.85 -4.96 14.29
C PHE B 191 1.00 -3.86 15.33
N ALA B 192 -0.12 -3.39 15.87
CA ALA B 192 -0.08 -2.33 16.87
C ALA B 192 0.87 -2.76 17.98
N ASP B 193 0.70 -3.98 18.48
CA ASP B 193 1.58 -4.50 19.53
C ASP B 193 2.47 -5.61 18.96
N GLY B 194 2.59 -5.61 17.64
CA GLY B 194 3.41 -6.56 16.92
C GLY B 194 2.71 -7.86 16.62
N LEU B 195 1.45 -7.99 17.06
CA LEU B 195 0.68 -9.22 16.85
C LEU B 195 -0.48 -8.93 15.91
N LEU B 196 -0.99 -9.93 15.20
CA LEU B 196 -2.18 -9.70 14.38
C LEU B 196 -3.37 -9.51 15.30
N ASP B 197 -4.38 -8.79 14.82
CA ASP B 197 -5.57 -8.51 15.60
C ASP B 197 -6.42 -9.79 15.79
N CYS B 198 -7.26 -9.80 16.82
CA CYS B 198 -8.18 -10.91 17.08
C CYS B 198 -9.43 -10.68 16.22
N PRO B 199 -10.29 -11.70 16.07
CA PRO B 199 -11.52 -11.54 15.28
C PRO B 199 -12.51 -10.66 16.03
N HIS B 200 -13.36 -9.94 15.32
CA HIS B 200 -14.35 -9.06 15.94
C HIS B 200 -15.78 -9.41 15.57
N TYR B 201 -16.72 -9.12 16.45
CA TYR B 201 -18.11 -9.44 16.18
C TYR B 201 -19.03 -8.32 16.62
N THR B 202 -20.11 -8.10 15.88
CA THR B 202 -21.10 -7.10 16.27
C THR B 202 -22.51 -7.66 15.99
N ARG B 203 -23.55 -6.84 16.19
CA ARG B 203 -24.94 -7.28 15.99
C ARG B 203 -25.13 -7.72 14.53
N PRO B 204 -26.04 -8.68 14.28
CA PRO B 204 -26.93 -9.45 15.17
C PRO B 204 -26.24 -10.66 15.81
N GLU B 205 -26.82 -11.25 16.86
CA GLU B 205 -26.21 -12.41 17.50
C GLU B 205 -26.07 -13.71 16.66
N VAL B 206 -27.00 -13.99 15.76
CA VAL B 206 -26.88 -15.18 14.91
C VAL B 206 -27.05 -14.93 13.42
N LEU B 207 -25.96 -14.92 12.65
CA LEU B 207 -26.14 -14.66 11.22
C LEU B 207 -25.42 -15.70 10.37
N GLU B 208 -26.15 -16.16 9.37
CA GLU B 208 -25.77 -17.19 8.43
C GLU B 208 -25.27 -18.43 9.19
N GLY B 209 -26.01 -18.75 10.26
CA GLY B 209 -25.79 -19.90 11.12
C GLY B 209 -24.65 -19.84 12.11
N LEU B 210 -23.88 -18.75 12.06
CA LEU B 210 -22.73 -18.56 12.94
C LEU B 210 -22.99 -17.68 14.17
N THR B 211 -22.75 -18.20 15.38
CA THR B 211 -23.03 -17.44 16.60
C THR B 211 -21.78 -16.74 17.13
N VAL B 212 -21.96 -15.64 17.86
CA VAL B 212 -20.85 -14.93 18.49
C VAL B 212 -20.33 -15.73 19.70
N PRO B 213 -19.00 -15.86 19.83
CA PRO B 213 -18.44 -16.59 20.98
C PRO B 213 -19.03 -16.07 22.29
N PRO B 214 -19.61 -16.95 23.10
CA PRO B 214 -20.24 -16.57 24.37
C PRO B 214 -19.42 -15.68 25.29
N VAL B 215 -18.11 -15.86 25.34
CA VAL B 215 -17.30 -15.04 26.23
C VAL B 215 -17.48 -13.53 25.96
N LEU B 216 -17.64 -13.14 24.69
CA LEU B 216 -17.81 -11.72 24.36
C LEU B 216 -19.16 -11.16 24.83
N MET B 217 -20.10 -12.05 25.11
CA MET B 217 -21.40 -11.62 25.61
C MET B 217 -21.50 -11.79 27.09
N SER B 218 -20.47 -12.40 27.69
CA SER B 218 -20.52 -12.66 29.11
C SER B 218 -20.43 -11.46 30.02
N GLY B 219 -19.85 -10.37 29.55
CA GLY B 219 -19.74 -9.23 30.43
C GLY B 219 -18.62 -9.55 31.40
N HIS B 220 -17.98 -10.70 31.23
CA HIS B 220 -16.92 -11.10 32.14
C HIS B 220 -15.64 -10.53 31.54
N HIS B 221 -15.22 -9.42 32.13
CA HIS B 221 -14.08 -8.64 31.67
C HIS B 221 -12.69 -9.25 31.55
N GLU B 222 -12.32 -10.02 32.56
CA GLU B 222 -11.01 -10.64 32.62
C GLU B 222 -10.87 -11.75 31.57
N GLU B 223 -11.94 -12.54 31.46
CA GLU B 223 -11.96 -13.63 30.50
C GLU B 223 -11.92 -13.04 29.10
N ILE B 224 -12.59 -11.91 28.89
CA ILE B 224 -12.59 -11.30 27.56
C ILE B 224 -11.16 -10.83 27.24
N ARG B 225 -10.51 -10.18 28.19
CA ARG B 225 -9.13 -9.74 27.94
C ARG B 225 -8.25 -10.93 27.55
N LYS B 226 -8.32 -12.02 28.32
CA LYS B 226 -7.52 -13.21 28.01
C LYS B 226 -7.91 -13.86 26.66
N TRP B 227 -9.20 -13.87 26.35
CA TRP B 227 -9.66 -14.43 25.08
C TRP B 227 -9.07 -13.64 23.92
N ARG B 228 -9.14 -12.32 24.02
CA ARG B 228 -8.66 -11.45 22.97
C ARG B 228 -7.17 -11.64 22.77
N LEU B 229 -6.45 -11.75 23.88
CA LEU B 229 -5.01 -11.93 23.83
C LEU B 229 -4.66 -13.28 23.21
N LYS B 230 -5.36 -14.33 23.63
CA LYS B 230 -5.16 -15.65 23.08
C LYS B 230 -5.44 -15.75 21.60
N GLN B 231 -6.51 -15.09 21.16
CA GLN B 231 -6.87 -15.08 19.75
C GLN B 231 -5.80 -14.39 18.94
N SER B 232 -5.30 -13.28 19.49
CA SER B 232 -4.26 -12.55 18.78
C SER B 232 -3.02 -13.43 18.64
N LEU B 233 -2.65 -14.12 19.72
CA LEU B 233 -1.47 -14.99 19.67
C LEU B 233 -1.65 -16.16 18.72
N GLN B 234 -2.80 -16.81 18.80
CA GLN B 234 -3.11 -17.95 17.96
C GLN B 234 -3.11 -17.56 16.49
N ARG B 235 -3.77 -16.46 16.17
CA ARG B 235 -3.86 -16.00 14.79
C ARG B 235 -2.49 -15.59 14.26
N THR B 236 -1.68 -14.93 15.07
CA THR B 236 -0.33 -14.54 14.65
C THR B 236 0.51 -15.79 14.41
N TRP B 237 0.40 -16.75 15.32
CA TRP B 237 1.14 -18.00 15.20
C TRP B 237 0.79 -18.77 13.93
N LEU B 238 -0.51 -18.92 13.67
CA LEU B 238 -0.94 -19.65 12.49
C LEU B 238 -0.70 -18.93 11.17
N ARG B 239 -0.93 -17.61 11.13
CA ARG B 239 -0.76 -16.91 9.86
C ARG B 239 0.60 -16.28 9.61
N ARG B 240 1.21 -15.70 10.63
CA ARG B 240 2.47 -15.00 10.43
C ARG B 240 3.44 -15.24 11.59
N PRO B 241 3.86 -16.51 11.79
CA PRO B 241 4.75 -17.01 12.84
C PRO B 241 6.11 -16.31 12.91
N GLU B 242 6.54 -15.77 11.79
CA GLU B 242 7.81 -15.08 11.69
C GLU B 242 7.82 -13.83 12.57
N LEU B 243 6.64 -13.22 12.78
CA LEU B 243 6.57 -12.05 13.62
C LEU B 243 6.93 -12.45 15.04
N LEU B 244 6.49 -13.64 15.41
CA LEU B 244 6.75 -14.24 16.73
C LEU B 244 8.24 -14.55 17.02
N GLU B 245 9.09 -14.49 16.00
CA GLU B 245 10.52 -14.79 16.16
C GLU B 245 11.31 -13.97 17.17
N GLY B 246 11.01 -12.70 17.31
CA GLY B 246 11.75 -11.88 18.24
C GLY B 246 10.82 -10.97 18.99
N LEU B 247 9.85 -11.58 19.66
CA LEU B 247 8.86 -10.81 20.39
C LEU B 247 8.97 -10.95 21.89
N ALA B 248 9.09 -9.80 22.55
CA ALA B 248 9.14 -9.76 24.00
C ALA B 248 7.73 -10.11 24.46
N LEU B 249 7.62 -11.14 25.28
CA LEU B 249 6.31 -11.60 25.75
C LEU B 249 6.23 -11.76 27.26
N THR B 250 5.05 -11.49 27.81
CA THR B 250 4.79 -11.71 29.21
C THR B 250 4.65 -13.21 29.48
N ASP B 251 4.65 -13.60 30.75
CA ASP B 251 4.51 -15.00 31.15
C ASP B 251 3.15 -15.50 30.66
N GLU B 252 2.17 -14.61 30.79
CA GLU B 252 0.80 -14.89 30.38
C GLU B 252 0.68 -15.13 28.89
N GLN B 253 1.34 -14.32 28.08
CA GLN B 253 1.27 -14.55 26.65
C GLN B 253 1.89 -15.91 26.28
N ARG B 254 2.99 -16.27 26.94
CA ARG B 254 3.63 -17.56 26.66
C ARG B 254 2.69 -18.71 27.00
N LYS B 255 2.01 -18.58 28.14
CA LYS B 255 1.07 -19.58 28.60
C LYS B 255 -0.12 -19.71 27.65
N LEU B 256 -0.68 -18.56 27.29
CA LEU B 256 -1.84 -18.50 26.41
C LEU B 256 -1.57 -19.00 25.01
N LEU B 257 -0.39 -18.66 24.52
CA LEU B 257 0.05 -19.11 23.22
C LEU B 257 0.25 -20.62 23.23
N LYS B 258 0.89 -21.13 24.27
CA LYS B 258 1.12 -22.57 24.39
C LYS B 258 -0.22 -23.30 24.42
N GLU B 259 -1.20 -22.74 25.14
CA GLU B 259 -2.51 -23.35 25.19
C GLU B 259 -3.13 -23.40 23.80
N ALA B 260 -3.00 -22.31 23.05
CA ALA B 260 -3.56 -22.23 21.70
C ALA B 260 -2.92 -23.19 20.71
N GLN B 261 -1.58 -23.32 20.79
CA GLN B 261 -0.85 -24.21 19.91
C GLN B 261 -1.22 -25.65 20.20
N ALA B 262 -1.41 -25.97 21.48
CA ALA B 262 -1.80 -27.32 21.83
C ALA B 262 -3.19 -27.55 21.23
N GLU B 263 -4.13 -26.68 21.61
CA GLU B 263 -5.51 -26.74 21.13
C GLU B 263 -5.67 -26.97 19.65
N HIS B 264 -4.82 -26.39 18.79
CA HIS B 264 -5.06 -26.67 17.37
C HIS B 264 -4.43 -27.98 16.94
N ASN B 265 -3.23 -28.25 17.43
CA ASN B 265 -2.53 -29.49 17.13
C ASN B 265 -3.19 -30.65 17.89
N SER B 266 -2.72 -31.87 17.64
CA SER B 266 -3.26 -33.07 18.28
C SER B 266 -4.79 -33.09 18.41
N SFG D . -8.83 -4.38 12.86
CA SFG D . -8.33 -4.64 11.50
C SFG D . -7.14 -5.59 11.60
O SFG D . -7.25 -6.67 10.97
OXT SFG D . -6.17 -5.22 12.28
CB SFG D . -7.87 -3.33 10.86
CG SFG D . -9.07 -2.57 10.30
CD SFG D . -8.64 -1.23 9.68
NE SFG D . -8.40 -0.24 10.74
C5' SFG D . -9.74 -0.75 8.73
C4' SFG D . -9.52 -1.37 7.36
O4' SFG D . -8.24 -0.99 6.83
C3' SFG D . -9.39 -2.89 7.44
O3' SFG D . -10.69 -3.45 7.54
C2' SFG D . -8.81 -3.16 6.05
O2' SFG D . -9.86 -3.17 5.08
C1' SFG D . -7.91 -1.95 5.82
N9 SFG D . -6.47 -2.28 6.01
C8 SFG D . -5.72 -1.89 7.03
N7 SFG D . -4.48 -2.36 6.87
C5 SFG D . -4.45 -3.04 5.73
C6 SFG D . -3.46 -3.74 5.04
N6 SFG D . -2.24 -3.87 5.56
N1 SFG D . -3.77 -4.31 3.88
C2 SFG D . -5.00 -4.25 3.39
N3 SFG D . -5.97 -3.60 4.01
C4 SFG D . -5.72 -2.99 5.18
N SFG E . 9.86 0.23 -12.08
CA SFG E . 10.21 1.66 -11.97
C SFG E . 11.34 1.84 -10.94
O SFG E . 11.36 2.92 -10.31
OXT SFG E . 12.15 0.90 -10.81
CB SFG E . 9.00 2.47 -11.53
CG SFG E . 7.80 2.28 -12.45
CD SFG E . 6.72 3.32 -12.14
NE SFG E . 7.23 4.68 -12.40
C5' SFG E . 6.31 3.22 -10.67
C4' SFG E . 6.18 4.62 -10.06
O4' SFG E . 5.45 4.57 -8.83
C3' SFG E . 7.55 5.13 -9.62
O3' SFG E . 7.45 6.47 -9.15
C2' SFG E . 7.77 4.22 -8.42
O2' SFG E . 8.67 4.87 -7.51
C1' SFG E . 6.37 4.19 -7.79
N9 SFG E . 6.10 2.84 -7.25
C8 SFG E . 5.71 1.78 -7.97
N7 SFG E . 5.62 0.73 -7.17
C5 SFG E . 5.94 1.11 -5.93
C6 SFG E . 6.06 0.45 -4.72
N6 SFG E . 5.81 -0.85 -4.61
N1 SFG E . 6.44 1.16 -3.63
C2 SFG E . 6.71 2.44 -3.72
N3 SFG E . 6.61 3.09 -4.87
C4 SFG E . 6.24 2.46 -5.99
#